data_3PPD
# 
_entry.id   3PPD 
# 
_audit_conform.dict_name       mmcif_pdbx.dic 
_audit_conform.dict_version    5.387 
_audit_conform.dict_location   http://mmcif.pdb.org/dictionaries/ascii/mmcif_pdbx.dic 
# 
loop_
_database_2.database_id 
_database_2.database_code 
_database_2.pdbx_database_accession 
_database_2.pdbx_DOI 
PDB   3PPD         pdb_00003ppd 10.2210/pdb3ppd/pdb 
RCSB  RCSB062655   ?            ?                   
WWPDB D_1000062655 ?            ?                   
# 
loop_
_pdbx_audit_revision_history.ordinal 
_pdbx_audit_revision_history.data_content_type 
_pdbx_audit_revision_history.major_revision 
_pdbx_audit_revision_history.minor_revision 
_pdbx_audit_revision_history.revision_date 
1 'Structure model' 1 0 2011-06-29 
2 'Structure model' 1 1 2011-07-13 
3 'Structure model' 1 2 2024-02-21 
# 
_pdbx_audit_revision_details.ordinal             1 
_pdbx_audit_revision_details.revision_ordinal    1 
_pdbx_audit_revision_details.data_content_type   'Structure model' 
_pdbx_audit_revision_details.provider            repository 
_pdbx_audit_revision_details.type                'Initial release' 
_pdbx_audit_revision_details.description         ? 
_pdbx_audit_revision_details.details             ? 
# 
loop_
_pdbx_audit_revision_group.ordinal 
_pdbx_audit_revision_group.revision_ordinal 
_pdbx_audit_revision_group.data_content_type 
_pdbx_audit_revision_group.group 
1 2 'Structure model' 'Version format compliance' 
2 3 'Structure model' 'Data collection'           
3 3 'Structure model' 'Database references'       
4 3 'Structure model' 'Derived calculations'      
# 
loop_
_pdbx_audit_revision_category.ordinal 
_pdbx_audit_revision_category.revision_ordinal 
_pdbx_audit_revision_category.data_content_type 
_pdbx_audit_revision_category.category 
1 3 'Structure model' chem_comp_atom         
2 3 'Structure model' chem_comp_bond         
3 3 'Structure model' database_2             
4 3 'Structure model' pdbx_struct_conn_angle 
5 3 'Structure model' struct_conn            
6 3 'Structure model' struct_site            
# 
loop_
_pdbx_audit_revision_item.ordinal 
_pdbx_audit_revision_item.revision_ordinal 
_pdbx_audit_revision_item.data_content_type 
_pdbx_audit_revision_item.item 
1  3 'Structure model' '_database_2.pdbx_DOI'                        
2  3 'Structure model' '_database_2.pdbx_database_accession'         
3  3 'Structure model' '_pdbx_struct_conn_angle.ptnr1_auth_comp_id'  
4  3 'Structure model' '_pdbx_struct_conn_angle.ptnr1_auth_seq_id'   
5  3 'Structure model' '_pdbx_struct_conn_angle.ptnr1_label_asym_id' 
6  3 'Structure model' '_pdbx_struct_conn_angle.ptnr1_label_atom_id' 
7  3 'Structure model' '_pdbx_struct_conn_angle.ptnr1_label_comp_id' 
8  3 'Structure model' '_pdbx_struct_conn_angle.ptnr1_label_seq_id'  
9  3 'Structure model' '_pdbx_struct_conn_angle.ptnr3_auth_comp_id'  
10 3 'Structure model' '_pdbx_struct_conn_angle.ptnr3_auth_seq_id'   
11 3 'Structure model' '_pdbx_struct_conn_angle.ptnr3_label_asym_id' 
12 3 'Structure model' '_pdbx_struct_conn_angle.ptnr3_label_atom_id' 
13 3 'Structure model' '_pdbx_struct_conn_angle.ptnr3_label_comp_id' 
14 3 'Structure model' '_pdbx_struct_conn_angle.ptnr3_label_seq_id'  
15 3 'Structure model' '_pdbx_struct_conn_angle.value'               
16 3 'Structure model' '_struct_conn.pdbx_dist_value'                
17 3 'Structure model' '_struct_conn.ptnr1_auth_comp_id'             
18 3 'Structure model' '_struct_conn.ptnr1_auth_seq_id'              
19 3 'Structure model' '_struct_conn.ptnr1_label_asym_id'            
20 3 'Structure model' '_struct_conn.ptnr1_label_atom_id'            
21 3 'Structure model' '_struct_conn.ptnr1_label_comp_id'            
22 3 'Structure model' '_struct_conn.ptnr1_label_seq_id'             
23 3 'Structure model' '_struct_conn.ptnr2_auth_comp_id'             
24 3 'Structure model' '_struct_conn.ptnr2_auth_seq_id'              
25 3 'Structure model' '_struct_conn.ptnr2_label_asym_id'            
26 3 'Structure model' '_struct_conn.ptnr2_label_atom_id'            
27 3 'Structure model' '_struct_conn.ptnr2_label_comp_id'            
28 3 'Structure model' '_struct_site.pdbx_auth_asym_id'              
29 3 'Structure model' '_struct_site.pdbx_auth_comp_id'              
30 3 'Structure model' '_struct_site.pdbx_auth_seq_id'               
# 
_pdbx_database_status.entry_id                        3PPD 
_pdbx_database_status.status_code                     REL 
_pdbx_database_status.deposit_site                    RCSB 
_pdbx_database_status.process_site                    RCSB 
_pdbx_database_status.recvd_initial_deposition_date   2010-11-24 
_pdbx_database_status.status_code_sf                  REL 
_pdbx_database_status.status_code_mr                  ? 
_pdbx_database_status.SG_entry                        ? 
_pdbx_database_status.status_code_cs                  ? 
_pdbx_database_status.pdb_format_compatible           Y 
_pdbx_database_status.status_code_nmr_data            ? 
_pdbx_database_status.methods_development_category    ? 
# 
loop_
_audit_author.name 
_audit_author.pdbx_ordinal 
'Zhao, A.'      1 
'Sawaya, M.R.'  2 
'Eisenberg, D.' 3 
# 
_citation.id                        primary 
_citation.title                     'Structure-based design of non-natural amino-acid inhibitors of amyloid fibril formation.' 
_citation.journal_abbrev            Nature 
_citation.journal_volume            475 
_citation.page_first                96 
_citation.page_last                 100 
_citation.year                      2011 
_citation.journal_id_ASTM           NATUAS 
_citation.country                   UK 
_citation.journal_id_ISSN           0028-0836 
_citation.journal_id_CSD            0006 
_citation.book_publisher            ? 
_citation.pdbx_database_id_PubMed   21677644 
_citation.pdbx_database_id_DOI      10.1038/nature10154 
# 
loop_
_citation_author.citation_id 
_citation_author.name 
_citation_author.ordinal 
_citation_author.identifier_ORCID 
primary 'Sievers, S.A.'   1  ? 
primary 'Karanicolas, J.' 2  ? 
primary 'Chang, H.W.'     3  ? 
primary 'Zhao, A.'        4  ? 
primary 'Jiang, L.'       5  ? 
primary 'Zirafi, O.'      6  ? 
primary 'Stevens, J.T.'   7  ? 
primary 'Munch, J.'       8  ? 
primary 'Baker, D.'       9  ? 
primary 'Eisenberg, D.'   10 ? 
# 
loop_
_entity.id 
_entity.type 
_entity.src_method 
_entity.pdbx_description 
_entity.formula_weight 
_entity.pdbx_number_of_molecules 
_entity.pdbx_ec 
_entity.pdbx_mutation 
_entity.pdbx_fragment 
_entity.details 
1 polymer     syn 'GGVLVN peptide, amyloid forming segment' 557.641 1 ? ? 'Residue 260-265' ? 
2 non-polymer syn 'ZINC ION'                                65.409  1 ? ? ?                 ? 
3 non-polymer syn 'ACETIC ACID'                             60.052  1 ? ? ?                 ? 
4 water       nat water                                     18.015  1 ? ? ?                 ? 
# 
_entity_poly.entity_id                      1 
_entity_poly.type                           'polypeptide(L)' 
_entity_poly.nstd_linkage                   no 
_entity_poly.nstd_monomer                   no 
_entity_poly.pdbx_seq_one_letter_code       GGVLVN 
_entity_poly.pdbx_seq_one_letter_code_can   GGVLVN 
_entity_poly.pdbx_strand_id                 A 
_entity_poly.pdbx_target_identifier         ? 
# 
loop_
_pdbx_entity_nonpoly.entity_id 
_pdbx_entity_nonpoly.name 
_pdbx_entity_nonpoly.comp_id 
2 'ZINC ION'    ZN  
3 'ACETIC ACID' ACY 
4 water         HOH 
# 
loop_
_entity_poly_seq.entity_id 
_entity_poly_seq.num 
_entity_poly_seq.mon_id 
_entity_poly_seq.hetero 
1 1 GLY n 
1 2 GLY n 
1 3 VAL n 
1 4 LEU n 
1 5 VAL n 
1 6 ASN n 
# 
_pdbx_entity_src_syn.entity_id              1 
_pdbx_entity_src_syn.pdbx_src_id            1 
_pdbx_entity_src_syn.pdbx_alt_source_flag   sample 
_pdbx_entity_src_syn.pdbx_beg_seq_num       ? 
_pdbx_entity_src_syn.pdbx_end_seq_num       ? 
_pdbx_entity_src_syn.organism_scientific    'Homo sapiens' 
_pdbx_entity_src_syn.organism_common_name   Human 
_pdbx_entity_src_syn.ncbi_taxonomy_id       9606 
_pdbx_entity_src_syn.details                
'GGVLVN from human Prostatic Acid Phosphatase Residue 260-265, Amyloid forming segment, synthesized' 
# 
loop_
_chem_comp.id 
_chem_comp.type 
_chem_comp.mon_nstd_flag 
_chem_comp.name 
_chem_comp.pdbx_synonyms 
_chem_comp.formula 
_chem_comp.formula_weight 
ACY non-polymer         . 'ACETIC ACID' ? 'C2 H4 O2'    60.052  
ASN 'L-peptide linking' y ASPARAGINE    ? 'C4 H8 N2 O3' 132.118 
GLY 'peptide linking'   y GLYCINE       ? 'C2 H5 N O2'  75.067  
HOH non-polymer         . WATER         ? 'H2 O'        18.015  
LEU 'L-peptide linking' y LEUCINE       ? 'C6 H13 N O2' 131.173 
VAL 'L-peptide linking' y VALINE        ? 'C5 H11 N O2' 117.146 
ZN  non-polymer         . 'ZINC ION'    ? 'Zn 2'        65.409  
# 
loop_
_pdbx_poly_seq_scheme.asym_id 
_pdbx_poly_seq_scheme.entity_id 
_pdbx_poly_seq_scheme.seq_id 
_pdbx_poly_seq_scheme.mon_id 
_pdbx_poly_seq_scheme.ndb_seq_num 
_pdbx_poly_seq_scheme.pdb_seq_num 
_pdbx_poly_seq_scheme.auth_seq_num 
_pdbx_poly_seq_scheme.pdb_mon_id 
_pdbx_poly_seq_scheme.auth_mon_id 
_pdbx_poly_seq_scheme.pdb_strand_id 
_pdbx_poly_seq_scheme.pdb_ins_code 
_pdbx_poly_seq_scheme.hetero 
A 1 1 GLY 1 1 1 GLY GLY A . n 
A 1 2 GLY 2 2 2 GLY GLY A . n 
A 1 3 VAL 3 3 3 VAL VAL A . n 
A 1 4 LEU 4 4 4 LEU LEU A . n 
A 1 5 VAL 5 5 5 VAL VAL A . n 
A 1 6 ASN 6 6 6 ASN ASN A . n 
# 
loop_
_pdbx_nonpoly_scheme.asym_id 
_pdbx_nonpoly_scheme.entity_id 
_pdbx_nonpoly_scheme.mon_id 
_pdbx_nonpoly_scheme.ndb_seq_num 
_pdbx_nonpoly_scheme.pdb_seq_num 
_pdbx_nonpoly_scheme.auth_seq_num 
_pdbx_nonpoly_scheme.pdb_mon_id 
_pdbx_nonpoly_scheme.auth_mon_id 
_pdbx_nonpoly_scheme.pdb_strand_id 
_pdbx_nonpoly_scheme.pdb_ins_code 
B 2 ZN  1 7 1 ZN  ZN  A . 
C 3 ACY 1 8 1 ACY ACY A . 
D 4 HOH 1 9 1 HOH HOH A . 
# 
loop_
_software.pdbx_ordinal 
_software.name 
_software.version 
_software.date 
_software.type 
_software.contact_author 
_software.contact_author_email 
_software.classification 
_software.location 
_software.language 
_software.citation_id 
1 DENZO       .       ?               program 'Zbyszek Otwinowski' hkl@hkl-xray.com            'data reduction'  
http://www.hkl-xray.com/                     ?          ? 
2 SCALEPACK   .       ?               program 'Zbyszek Otwinowski' hkl@hkl-xray.com            'data scaling'    
http://www.hkl-xray.com/                     ?          ? 
3 PHASER      .       ?               program 'Randy J. Read'      cimr-phaser@lists.cam.ac.uk phasing           
http://www-structmed.cimr.cam.ac.uk/phaser/  ?          ? 
4 REFMAC      .       ?               program 'Garib N. Murshudov' garib@ysbl.york.ac.uk       refinement        
http://www.ccp4.ac.uk/dist/html/refmac5.html Fortran_77 ? 
5 PDB_EXTRACT 3.10    'June 10, 2010' package PDB                  deposit@deposit.rcsb.org    'data extraction' 
http://sw-tools.pdb.org/apps/PDB_EXTRACT/    C++        ? 
6 ADSC        Quantum ?               ?       ?                    ?                           'data collection' ? ?          ? 
# 
_cell.length_a           4.834 
_cell.length_b           17.682 
_cell.length_c           40.322 
_cell.angle_alpha        90.000 
_cell.angle_beta         90.000 
_cell.angle_gamma        90.000 
_cell.entry_id           3PPD 
_cell.pdbx_unique_axis   ? 
_cell.Z_PDB              4 
_cell.length_a_esd       ? 
_cell.length_b_esd       ? 
_cell.length_c_esd       ? 
_cell.angle_alpha_esd    ? 
_cell.angle_beta_esd     ? 
_cell.angle_gamma_esd    ? 
# 
_symmetry.space_group_name_H-M             'P 21 21 21' 
_symmetry.entry_id                         3PPD 
_symmetry.Int_Tables_number                19 
_symmetry.pdbx_full_space_group_name_H-M   ? 
_symmetry.cell_setting                     ? 
_symmetry.space_group_name_Hall            ? 
# 
_exptl.crystals_number   2 
_exptl.entry_id          3PPD 
_exptl.method            'X-RAY DIFFRACTION' 
# 
_exptl_crystal.id                    1 
_exptl_crystal.density_Matthews      1.55 
_exptl_crystal.density_meas          ? 
_exptl_crystal.density_percent_sol   20.39 
_exptl_crystal.description           ? 
_exptl_crystal.F_000                 ? 
_exptl_crystal.preparation           ? 
# 
_exptl_crystal_grow.crystal_id      1 
_exptl_crystal_grow.method          'VAPOR DIFFUSION, HANGING DROP' 
_exptl_crystal_grow.pH              6 
_exptl_crystal_grow.temp            298 
_exptl_crystal_grow.temp_details    ? 
_exptl_crystal_grow.pdbx_details    
'0.1M MES pH6.0, 0.2M Zn(OAc)2, 10%(w/v)PEG-8000, VAPOR DIFFUSION, HANGING DROP, temperature 298K' 
_exptl_crystal_grow.pdbx_pH_range   ? 
# 
_diffrn.id                     1 
_diffrn.ambient_temp           100 
_diffrn.ambient_temp_details   ? 
_diffrn.crystal_id             1 
# 
_diffrn_detector.diffrn_id              1 
_diffrn_detector.detector               CCD 
_diffrn_detector.type                   'ADSC QUANTUM 315' 
_diffrn_detector.pdbx_collection_date   2009-08-15 
_diffrn_detector.details                ? 
# 
_diffrn_radiation.diffrn_id                        1 
_diffrn_radiation.pdbx_diffrn_protocol             'SINGLE WAVELENGTH' 
_diffrn_radiation.monochromator                    ? 
_diffrn_radiation.wavelength_id                    1 
_diffrn_radiation.pdbx_monochromatic_or_laue_m_l   M 
_diffrn_radiation.pdbx_scattering_type             x-ray 
# 
_diffrn_radiation_wavelength.id           1 
_diffrn_radiation_wavelength.wavelength   0.9791 
_diffrn_radiation_wavelength.wt           1.0 
# 
_diffrn_source.diffrn_id                   1 
_diffrn_source.source                      SYNCHROTRON 
_diffrn_source.type                        'APS BEAMLINE 24-ID-E' 
_diffrn_source.pdbx_wavelength_list        0.9791 
_diffrn_source.pdbx_wavelength             ? 
_diffrn_source.pdbx_synchrotron_site       APS 
_diffrn_source.pdbx_synchrotron_beamline   24-ID-E 
# 
_reflns.entry_id                     3PPD 
_reflns.d_resolution_high            1.500 
_reflns.d_resolution_low             80.000 
_reflns.number_obs                   621 
_reflns.pdbx_Rmerge_I_obs            0.149 
_reflns.pdbx_netI_over_sigmaI        8.900 
_reflns.pdbx_chi_squared             0.999 
_reflns.pdbx_redundancy              4.900 
_reflns.percent_possible_obs         86.400 
_reflns.observed_criterion_sigma_F   ? 
_reflns.observed_criterion_sigma_I   -3.0 
_reflns.number_all                   621 
_reflns.pdbx_Rsym_value              ? 
_reflns.B_iso_Wilson_estimate        ? 
_reflns.R_free_details               ? 
_reflns.limit_h_max                  ? 
_reflns.limit_h_min                  ? 
_reflns.limit_k_max                  ? 
_reflns.limit_k_min                  ? 
_reflns.limit_l_max                  ? 
_reflns.limit_l_min                  ? 
_reflns.observed_criterion_F_max     ? 
_reflns.observed_criterion_F_min     ? 
_reflns.pdbx_scaling_rejects         ? 
_reflns.pdbx_ordinal                 1 
_reflns.pdbx_diffrn_id               1 
# 
loop_
_reflns_shell.d_res_high 
_reflns_shell.d_res_low 
_reflns_shell.number_measured_obs 
_reflns_shell.number_measured_all 
_reflns_shell.number_unique_obs 
_reflns_shell.Rmerge_I_obs 
_reflns_shell.meanI_over_sigI_obs 
_reflns_shell.pdbx_Rsym_value 
_reflns_shell.pdbx_chi_squared 
_reflns_shell.pdbx_redundancy 
_reflns_shell.percent_possible_obs 
_reflns_shell.number_unique_all 
_reflns_shell.percent_possible_all 
_reflns_shell.pdbx_ordinal 
_reflns_shell.pdbx_diffrn_id 
1.500 1.550  ? ? ? 0.256 ? ? 1.010 2.600 ? 54 74.000 1  1 
1.550 1.620  ? ? ? 0.334 ? ? 1.002 3.400 ? 48 64.900 2  1 
1.620 1.690  ? ? ? 0.295 ? ? 0.999 4.400 ? 48 82.800 3  1 
1.690 1.780  ? ? ? 0.186 ? ? 0.982 4.200 ? 53 85.500 4  1 
1.780 1.890  ? ? ? 0.206 ? ? 1.002 4.400 ? 54 90.000 5  1 
1.890 2.040  ? ? ? 0.231 ? ? 1.010 6.600 ? 67 89.300 6  1 
2.040 2.240  ? ? ? 0.177 ? ? 0.994 6.100 ? 77 97.500 7  1 
2.240 2.560  ? ? ? 0.192 ? ? 1.012 5.900 ? 67 90.500 8  1 
2.560 3.230  ? ? ? 0.118 ? ? 0.995 5.800 ? 62 96.900 9  1 
3.230 80.000 ? ? ? 0.090 ? ? 0.985 4.700 ? 91 91.000 10 1 
# 
_refine.entry_id                                 3PPD 
_refine.ls_d_res_high                            1.5000 
_refine.ls_d_res_low                             20.1600 
_refine.pdbx_ls_sigma_F                          0.000 
_refine.pdbx_data_cutoff_high_absF               ? 
_refine.pdbx_data_cutoff_low_absF                ? 
_refine.ls_percent_reflns_obs                    87.5000 
_refine.ls_number_reflns_obs                     609 
_refine.ls_number_reflns_all                     609 
_refine.pdbx_ls_cross_valid_method               THROUGHOUT 
_refine.pdbx_R_Free_selection_details            RANDOM 
_refine.details                                  
'HYDROGENS HAVE BEEN ADDED IN THE RIDING POSITIONS. U VALUES: REFINED INDIVIDUALLY' 
_refine.ls_R_factor_all                          0.1818 
_refine.ls_R_factor_obs                          0.1818 
_refine.ls_R_factor_R_work                       0.1779 
_refine.ls_wR_factor_R_work                      0.1874 
_refine.ls_R_factor_R_free                       0.2189 
_refine.ls_wR_factor_R_free                      0.2026 
_refine.ls_percent_reflns_R_free                 10.0000 
_refine.ls_number_reflns_R_free                  61 
_refine.ls_R_factor_R_free_error                 ? 
_refine.B_iso_mean                               9.4571 
_refine.solvent_model_param_bsol                 ? 
_refine.solvent_model_param_ksol                 ? 
_refine.pdbx_isotropic_thermal_model             ? 
_refine.aniso_B[1][1]                            -0.2100 
_refine.aniso_B[2][2]                            -0.4000 
_refine.aniso_B[3][3]                            0.6000 
_refine.aniso_B[1][2]                            0.0000 
_refine.aniso_B[1][3]                            0.0000 
_refine.aniso_B[2][3]                            0.0000 
_refine.correlation_coeff_Fo_to_Fc               0.9540 
_refine.correlation_coeff_Fo_to_Fc_free          0.9450 
_refine.overall_SU_R_Cruickshank_DPI             0.1011 
_refine.overall_SU_R_free                        0.1020 
_refine.pdbx_overall_ESU_R_Free                  0.1020 
_refine.overall_SU_ML                            0.0660 
_refine.overall_SU_B                             1.9460 
_refine.solvent_model_details                    MASK 
_refine.pdbx_solvent_vdw_probe_radii             1.4000 
_refine.pdbx_solvent_ion_probe_radii             0.8000 
_refine.pdbx_solvent_shrinkage_radii             0.8000 
_refine.ls_number_parameters                     ? 
_refine.ls_number_restraints                     ? 
_refine.pdbx_starting_model                      ? 
_refine.pdbx_method_to_determine_struct          'MOLECULAR REPLACEMENT' 
_refine.pdbx_stereochemistry_target_values       'MAXIMUM LIKELIHOOD' 
_refine.pdbx_stereochem_target_val_spec_case     ? 
_refine.overall_FOM_work_R_set                   0.8347 
_refine.B_iso_max                                17.520 
_refine.B_iso_min                                5.180 
_refine.occupancy_max                            1.000 
_refine.occupancy_min                            1.000 
_refine.pdbx_ls_sigma_I                          ? 
_refine.ls_redundancy_reflns_obs                 ? 
_refine.ls_R_factor_R_free_error_details         ? 
_refine.pdbx_data_cutoff_high_rms_absF           ? 
_refine.overall_FOM_free_R_set                   ? 
_refine.pdbx_overall_phase_error                 ? 
_refine.pdbx_refine_id                           'X-RAY DIFFRACTION' 
_refine.pdbx_overall_ESU_R                       ? 
_refine.pdbx_diffrn_id                           1 
_refine.pdbx_TLS_residual_ADP_flag               ? 
_refine.pdbx_overall_SU_R_free_Cruickshank_DPI   ? 
_refine.pdbx_overall_SU_R_Blow_DPI               ? 
_refine.pdbx_overall_SU_R_free_Blow_DPI          ? 
# 
_refine_hist.pdbx_refine_id                   'X-RAY DIFFRACTION' 
_refine_hist.cycle_id                         LAST 
_refine_hist.pdbx_number_atoms_protein        39 
_refine_hist.pdbx_number_atoms_nucleic_acid   0 
_refine_hist.pdbx_number_atoms_ligand         5 
_refine_hist.number_atoms_solvent             1 
_refine_hist.number_atoms_total               45 
_refine_hist.d_res_high                       1.5000 
_refine_hist.d_res_low                        20.1600 
# 
loop_
_refine_ls_restr.type 
_refine_ls_restr.number 
_refine_ls_restr.dev_ideal 
_refine_ls_restr.dev_ideal_target 
_refine_ls_restr.weight 
_refine_ls_restr.pdbx_refine_id 
_refine_ls_restr.pdbx_restraint_function 
r_bond_refined_d       41 0.003  0.022  ? 'X-RAY DIFFRACTION' ? 
r_bond_other_d         20 0.001  0.020  ? 'X-RAY DIFFRACTION' ? 
r_angle_refined_deg    54 1.291  2.109  ? 'X-RAY DIFFRACTION' ? 
r_angle_other_deg      51 0.755  3.000  ? 'X-RAY DIFFRACTION' ? 
r_dihedral_angle_1_deg 5  7.617  5.000  ? 'X-RAY DIFFRACTION' ? 
r_dihedral_angle_2_deg 1  57.108 30.000 ? 'X-RAY DIFFRACTION' ? 
r_dihedral_angle_3_deg 5  13.476 15.000 ? 'X-RAY DIFFRACTION' ? 
r_chiral_restr         7  0.060  0.200  ? 'X-RAY DIFFRACTION' ? 
r_gen_planes_refined   47 0.002  0.020  ? 'X-RAY DIFFRACTION' ? 
r_gen_planes_other     5  0.000  0.020  ? 'X-RAY DIFFRACTION' ? 
r_mcbond_it            31 0.725  1.500  ? 'X-RAY DIFFRACTION' ? 
r_mcbond_other         13 0.168  1.500  ? 'X-RAY DIFFRACTION' ? 
r_mcangle_it           45 1.266  2.000  ? 'X-RAY DIFFRACTION' ? 
r_scbond_it            10 1.593  3.000  ? 'X-RAY DIFFRACTION' ? 
r_scangle_it           9  2.739  4.500  ? 'X-RAY DIFFRACTION' ? 
# 
_refine_ls_shell.d_res_high                       1.5010 
_refine_ls_shell.d_res_low                        1.6770 
_refine_ls_shell.pdbx_total_number_of_bins_used   5 
_refine_ls_shell.percent_reflns_obs               73.4400 
_refine_ls_shell.number_reflns_R_work             129 
_refine_ls_shell.R_factor_all                     ? 
_refine_ls_shell.R_factor_R_work                  0.2300 
_refine_ls_shell.R_factor_R_free                  0.1580 
_refine_ls_shell.percent_reflns_R_free            ? 
_refine_ls_shell.number_reflns_R_free             12 
_refine_ls_shell.R_factor_R_free_error            ? 
_refine_ls_shell.number_reflns_all                141 
_refine_ls_shell.number_reflns_obs                ? 
_refine_ls_shell.redundancy_reflns_obs            ? 
_refine_ls_shell.pdbx_refine_id                   'X-RAY DIFFRACTION' 
# 
_struct.entry_id                  3PPD 
_struct.title                     
'GGVLVN segment from Human Prostatic Acid Phosphatase Residues 260-265, involved in Semen-Derived Enhancer of Viral Infection' 
_struct.pdbx_model_details        ? 
_struct.pdbx_CASP_flag            ? 
_struct.pdbx_model_type_details   ? 
# 
_struct_keywords.entry_id        3PPD 
_struct_keywords.text            'amyloid-like protofibril, amyloid fibrils, PROTEIN FIBRIL' 
_struct_keywords.pdbx_keywords   'PROTEIN FIBRIL' 
# 
loop_
_struct_asym.id 
_struct_asym.pdbx_blank_PDB_chainid_flag 
_struct_asym.pdbx_modified 
_struct_asym.entity_id 
_struct_asym.details 
A N N 1 ? 
B N N 2 ? 
C N N 3 ? 
D N N 4 ? 
# 
_struct_ref.id                         1 
_struct_ref.db_name                    UNP 
_struct_ref.db_code                    PPAP_HUMAN 
_struct_ref.pdbx_db_accession          P15309 
_struct_ref.entity_id                  1 
_struct_ref.pdbx_align_begin           260 
_struct_ref.pdbx_seq_one_letter_code   GGVLVN 
_struct_ref.pdbx_db_isoform            ? 
# 
_struct_ref_seq.align_id                      1 
_struct_ref_seq.ref_id                        1 
_struct_ref_seq.pdbx_PDB_id_code              3PPD 
_struct_ref_seq.pdbx_strand_id                A 
_struct_ref_seq.seq_align_beg                 1 
_struct_ref_seq.pdbx_seq_align_beg_ins_code   ? 
_struct_ref_seq.seq_align_end                 6 
_struct_ref_seq.pdbx_seq_align_end_ins_code   ? 
_struct_ref_seq.pdbx_db_accession             P15309 
_struct_ref_seq.db_align_beg                  260 
_struct_ref_seq.pdbx_db_align_beg_ins_code    ? 
_struct_ref_seq.db_align_end                  265 
_struct_ref_seq.pdbx_db_align_end_ins_code    ? 
_struct_ref_seq.pdbx_auth_seq_align_beg       1 
_struct_ref_seq.pdbx_auth_seq_align_end       6 
# 
_pdbx_struct_assembly.id                   1 
_pdbx_struct_assembly.details              author_defined_assembly 
_pdbx_struct_assembly.method_details       ? 
_pdbx_struct_assembly.oligomeric_details   hexameric 
_pdbx_struct_assembly.oligomeric_count     6 
# 
_pdbx_struct_assembly_gen.assembly_id       1 
_pdbx_struct_assembly_gen.oper_expression   1,2,3,4,5,6 
_pdbx_struct_assembly_gen.asym_id_list      A,B,C,D 
# 
loop_
_pdbx_struct_oper_list.id 
_pdbx_struct_oper_list.type 
_pdbx_struct_oper_list.name 
_pdbx_struct_oper_list.symmetry_operation 
_pdbx_struct_oper_list.matrix[1][1] 
_pdbx_struct_oper_list.matrix[1][2] 
_pdbx_struct_oper_list.matrix[1][3] 
_pdbx_struct_oper_list.vector[1] 
_pdbx_struct_oper_list.matrix[2][1] 
_pdbx_struct_oper_list.matrix[2][2] 
_pdbx_struct_oper_list.matrix[2][3] 
_pdbx_struct_oper_list.vector[2] 
_pdbx_struct_oper_list.matrix[3][1] 
_pdbx_struct_oper_list.matrix[3][2] 
_pdbx_struct_oper_list.matrix[3][3] 
_pdbx_struct_oper_list.vector[3] 
1 'identity operation'         1_555 x,y,z           1.0000000000  0.0000000000 0.0000000000  0.0000000000  0.0000000000 1.0000000000 0.0000000000  0.0000000000  0.0000000000  0.0000000000  1.0000000000  0.0000000000  
2 'crystal symmetry operation' 1_655 x+1,y,z         1.0000000000  0.0000000000 0.0000000000  1.6221889333  0.0000000000 1.0000000000 0.0000000000  4.1779824251  0.0000000000  0.0000000000  1.0000000000  -1.8112211131 
3 'crystal symmetry operation' 1_455 x-1,y,z         1.0000000000  0.0000000000 0.0000000000  -1.6221889333 0.0000000000 1.0000000000 0.0000000000  -4.1779824251 0.0000000000  0.0000000000  1.0000000000  1.8112211131  
4 'crystal symmetry operation' 4_545 x+1/2,-y-1/2,-z -0.7747734564 0.5800757986 -0.2514719850 -4.3687958025 0.5800757986 0.4939976730 -0.6476714962 5.6033633321  -0.2514719850 -0.6476714962 -0.7192242167 2.5617873415  
5 'crystal symmetry operation' 4_445 x-1/2,-y-1/2,-z -0.7747734564 0.5800757986 -0.2514719850 -5.9909847358 0.5800757986 0.4939976730 -0.6476714962 1.4253809070  -0.2514719850 -0.6476714962 -0.7192242167 4.3730084545  
6 'crystal symmetry operation' 4_645 x+3/2,-y-1/2,-z -0.7747734564 0.5800757986 -0.2514719850 -2.7466068691 0.5800757986 0.4939976730 -0.6476714962 9.7813457572  -0.2514719850 -0.6476714962 -0.7192242167 0.7505662284 
# 
_struct_biol.id        1 
_struct_biol.details   ? 
# 
loop_
_struct_conn.id 
_struct_conn.conn_type_id 
_struct_conn.pdbx_leaving_atom_flag 
_struct_conn.pdbx_PDB_id 
_struct_conn.ptnr1_label_asym_id 
_struct_conn.ptnr1_label_comp_id 
_struct_conn.ptnr1_label_seq_id 
_struct_conn.ptnr1_label_atom_id 
_struct_conn.pdbx_ptnr1_label_alt_id 
_struct_conn.pdbx_ptnr1_PDB_ins_code 
_struct_conn.pdbx_ptnr1_standard_comp_id 
_struct_conn.ptnr1_symmetry 
_struct_conn.ptnr2_label_asym_id 
_struct_conn.ptnr2_label_comp_id 
_struct_conn.ptnr2_label_seq_id 
_struct_conn.ptnr2_label_atom_id 
_struct_conn.pdbx_ptnr2_label_alt_id 
_struct_conn.pdbx_ptnr2_PDB_ins_code 
_struct_conn.ptnr1_auth_asym_id 
_struct_conn.ptnr1_auth_comp_id 
_struct_conn.ptnr1_auth_seq_id 
_struct_conn.ptnr2_auth_asym_id 
_struct_conn.ptnr2_auth_comp_id 
_struct_conn.ptnr2_auth_seq_id 
_struct_conn.ptnr2_symmetry 
_struct_conn.pdbx_ptnr3_label_atom_id 
_struct_conn.pdbx_ptnr3_label_seq_id 
_struct_conn.pdbx_ptnr3_label_comp_id 
_struct_conn.pdbx_ptnr3_label_asym_id 
_struct_conn.pdbx_ptnr3_label_alt_id 
_struct_conn.pdbx_ptnr3_PDB_ins_code 
_struct_conn.details 
_struct_conn.pdbx_dist_value 
_struct_conn.pdbx_value_order 
_struct_conn.pdbx_role 
metalc1 metalc ? ? A GLY 1 O  ? ? ? 1_555 B ZN  . ZN ? ? A GLY 1 A ZN  7 1_555 ? ? ? ? ? ? ? 2.123 ? ? 
metalc2 metalc ? ? A GLY 1 N  ? ? ? 1_555 B ZN  . ZN ? ? A GLY 1 A ZN  7 1_555 ? ? ? ? ? ? ? 2.175 ? ? 
metalc3 metalc ? ? B ZN  . ZN ? ? ? 1_555 C ACY . O  ? ? A ZN  7 A ACY 8 1_555 ? ? ? ? ? ? ? 2.030 ? ? 
# 
_struct_conn_type.id          metalc 
_struct_conn_type.criteria    ? 
_struct_conn_type.reference   ? 
# 
loop_
_pdbx_struct_conn_angle.id 
_pdbx_struct_conn_angle.ptnr1_label_atom_id 
_pdbx_struct_conn_angle.ptnr1_label_alt_id 
_pdbx_struct_conn_angle.ptnr1_label_asym_id 
_pdbx_struct_conn_angle.ptnr1_label_comp_id 
_pdbx_struct_conn_angle.ptnr1_label_seq_id 
_pdbx_struct_conn_angle.ptnr1_auth_atom_id 
_pdbx_struct_conn_angle.ptnr1_auth_asym_id 
_pdbx_struct_conn_angle.ptnr1_auth_comp_id 
_pdbx_struct_conn_angle.ptnr1_auth_seq_id 
_pdbx_struct_conn_angle.ptnr1_PDB_ins_code 
_pdbx_struct_conn_angle.ptnr1_symmetry 
_pdbx_struct_conn_angle.ptnr2_label_atom_id 
_pdbx_struct_conn_angle.ptnr2_label_alt_id 
_pdbx_struct_conn_angle.ptnr2_label_asym_id 
_pdbx_struct_conn_angle.ptnr2_label_comp_id 
_pdbx_struct_conn_angle.ptnr2_label_seq_id 
_pdbx_struct_conn_angle.ptnr2_auth_atom_id 
_pdbx_struct_conn_angle.ptnr2_auth_asym_id 
_pdbx_struct_conn_angle.ptnr2_auth_comp_id 
_pdbx_struct_conn_angle.ptnr2_auth_seq_id 
_pdbx_struct_conn_angle.ptnr2_PDB_ins_code 
_pdbx_struct_conn_angle.ptnr2_symmetry 
_pdbx_struct_conn_angle.ptnr3_label_atom_id 
_pdbx_struct_conn_angle.ptnr3_label_alt_id 
_pdbx_struct_conn_angle.ptnr3_label_asym_id 
_pdbx_struct_conn_angle.ptnr3_label_comp_id 
_pdbx_struct_conn_angle.ptnr3_label_seq_id 
_pdbx_struct_conn_angle.ptnr3_auth_atom_id 
_pdbx_struct_conn_angle.ptnr3_auth_asym_id 
_pdbx_struct_conn_angle.ptnr3_auth_comp_id 
_pdbx_struct_conn_angle.ptnr3_auth_seq_id 
_pdbx_struct_conn_angle.ptnr3_PDB_ins_code 
_pdbx_struct_conn_angle.ptnr3_symmetry 
_pdbx_struct_conn_angle.value 
_pdbx_struct_conn_angle.value_esd 
1 O ? A GLY 1 ? A GLY 1 ? 1_555 ZN ? B ZN . ? A ZN 7 ? 1_555 N ? A GLY 1 ? A GLY 1 ? 1_555 78.3  ? 
2 O ? A GLY 1 ? A GLY 1 ? 1_555 ZN ? B ZN . ? A ZN 7 ? 1_555 O ? C ACY . ? A ACY 8 ? 1_555 93.4  ? 
3 N ? A GLY 1 ? A GLY 1 ? 1_555 ZN ? B ZN . ? A ZN 7 ? 1_555 O ? C ACY . ? A ACY 8 ? 1_555 118.1 ? 
# 
loop_
_struct_site.id 
_struct_site.pdbx_evidence_code 
_struct_site.pdbx_auth_asym_id 
_struct_site.pdbx_auth_comp_id 
_struct_site.pdbx_auth_seq_id 
_struct_site.pdbx_auth_ins_code 
_struct_site.pdbx_num_residues 
_struct_site.details 
AC1 Software A ZN  7 ? 4 'BINDING SITE FOR RESIDUE ZN A 7'  
AC2 Software A ACY 8 ? 7 'BINDING SITE FOR RESIDUE ACY A 8' 
# 
loop_
_struct_site_gen.id 
_struct_site_gen.site_id 
_struct_site_gen.pdbx_num_res 
_struct_site_gen.label_comp_id 
_struct_site_gen.label_asym_id 
_struct_site_gen.label_seq_id 
_struct_site_gen.pdbx_auth_ins_code 
_struct_site_gen.auth_comp_id 
_struct_site_gen.auth_asym_id 
_struct_site_gen.auth_seq_id 
_struct_site_gen.label_atom_id 
_struct_site_gen.label_alt_id 
_struct_site_gen.symmetry 
_struct_site_gen.details 
1  AC1 4 GLY A 1 ? GLY A 1 . ? 1_555 ? 
2  AC1 4 ASN A 6 ? ASN A 6 . ? 2_554 ? 
3  AC1 4 ACY C . ? ACY A 8 . ? 1_455 ? 
4  AC1 4 ACY C . ? ACY A 8 . ? 1_555 ? 
5  AC2 7 GLY A 1 ? GLY A 1 . ? 1_555 ? 
6  AC2 7 GLY A 1 ? GLY A 1 . ? 1_655 ? 
7  AC2 7 VAL A 3 ? VAL A 3 . ? 1_655 ? 
8  AC2 7 ASN A 6 ? ASN A 6 . ? 2_554 ? 
9  AC2 7 ASN A 6 ? ASN A 6 . ? 2_654 ? 
10 AC2 7 ZN  B . ? ZN  A 7 . ? 1_655 ? 
11 AC2 7 ZN  B . ? ZN  A 7 . ? 1_555 ? 
# 
_phasing.method   MR 
# 
loop_
_chem_comp_atom.comp_id 
_chem_comp_atom.atom_id 
_chem_comp_atom.type_symbol 
_chem_comp_atom.pdbx_aromatic_flag 
_chem_comp_atom.pdbx_stereo_config 
_chem_comp_atom.pdbx_ordinal 
ACY C    C  N N 1  
ACY O    O  N N 2  
ACY OXT  O  N N 3  
ACY CH3  C  N N 4  
ACY HXT  H  N N 5  
ACY H1   H  N N 6  
ACY H2   H  N N 7  
ACY H3   H  N N 8  
ASN N    N  N N 9  
ASN CA   C  N S 10 
ASN C    C  N N 11 
ASN O    O  N N 12 
ASN CB   C  N N 13 
ASN CG   C  N N 14 
ASN OD1  O  N N 15 
ASN ND2  N  N N 16 
ASN OXT  O  N N 17 
ASN H    H  N N 18 
ASN H2   H  N N 19 
ASN HA   H  N N 20 
ASN HB2  H  N N 21 
ASN HB3  H  N N 22 
ASN HD21 H  N N 23 
ASN HD22 H  N N 24 
ASN HXT  H  N N 25 
GLY N    N  N N 26 
GLY CA   C  N N 27 
GLY C    C  N N 28 
GLY O    O  N N 29 
GLY OXT  O  N N 30 
GLY H    H  N N 31 
GLY H2   H  N N 32 
GLY HA2  H  N N 33 
GLY HA3  H  N N 34 
GLY HXT  H  N N 35 
HOH O    O  N N 36 
HOH H1   H  N N 37 
HOH H2   H  N N 38 
LEU N    N  N N 39 
LEU CA   C  N S 40 
LEU C    C  N N 41 
LEU O    O  N N 42 
LEU CB   C  N N 43 
LEU CG   C  N N 44 
LEU CD1  C  N N 45 
LEU CD2  C  N N 46 
LEU OXT  O  N N 47 
LEU H    H  N N 48 
LEU H2   H  N N 49 
LEU HA   H  N N 50 
LEU HB2  H  N N 51 
LEU HB3  H  N N 52 
LEU HG   H  N N 53 
LEU HD11 H  N N 54 
LEU HD12 H  N N 55 
LEU HD13 H  N N 56 
LEU HD21 H  N N 57 
LEU HD22 H  N N 58 
LEU HD23 H  N N 59 
LEU HXT  H  N N 60 
VAL N    N  N N 61 
VAL CA   C  N S 62 
VAL C    C  N N 63 
VAL O    O  N N 64 
VAL CB   C  N N 65 
VAL CG1  C  N N 66 
VAL CG2  C  N N 67 
VAL OXT  O  N N 68 
VAL H    H  N N 69 
VAL H2   H  N N 70 
VAL HA   H  N N 71 
VAL HB   H  N N 72 
VAL HG11 H  N N 73 
VAL HG12 H  N N 74 
VAL HG13 H  N N 75 
VAL HG21 H  N N 76 
VAL HG22 H  N N 77 
VAL HG23 H  N N 78 
VAL HXT  H  N N 79 
ZN  ZN   ZN N N 80 
# 
loop_
_chem_comp_bond.comp_id 
_chem_comp_bond.atom_id_1 
_chem_comp_bond.atom_id_2 
_chem_comp_bond.value_order 
_chem_comp_bond.pdbx_aromatic_flag 
_chem_comp_bond.pdbx_stereo_config 
_chem_comp_bond.pdbx_ordinal 
ACY C   O    doub N N 1  
ACY C   OXT  sing N N 2  
ACY C   CH3  sing N N 3  
ACY OXT HXT  sing N N 4  
ACY CH3 H1   sing N N 5  
ACY CH3 H2   sing N N 6  
ACY CH3 H3   sing N N 7  
ASN N   CA   sing N N 8  
ASN N   H    sing N N 9  
ASN N   H2   sing N N 10 
ASN CA  C    sing N N 11 
ASN CA  CB   sing N N 12 
ASN CA  HA   sing N N 13 
ASN C   O    doub N N 14 
ASN C   OXT  sing N N 15 
ASN CB  CG   sing N N 16 
ASN CB  HB2  sing N N 17 
ASN CB  HB3  sing N N 18 
ASN CG  OD1  doub N N 19 
ASN CG  ND2  sing N N 20 
ASN ND2 HD21 sing N N 21 
ASN ND2 HD22 sing N N 22 
ASN OXT HXT  sing N N 23 
GLY N   CA   sing N N 24 
GLY N   H    sing N N 25 
GLY N   H2   sing N N 26 
GLY CA  C    sing N N 27 
GLY CA  HA2  sing N N 28 
GLY CA  HA3  sing N N 29 
GLY C   O    doub N N 30 
GLY C   OXT  sing N N 31 
GLY OXT HXT  sing N N 32 
HOH O   H1   sing N N 33 
HOH O   H2   sing N N 34 
LEU N   CA   sing N N 35 
LEU N   H    sing N N 36 
LEU N   H2   sing N N 37 
LEU CA  C    sing N N 38 
LEU CA  CB   sing N N 39 
LEU CA  HA   sing N N 40 
LEU C   O    doub N N 41 
LEU C   OXT  sing N N 42 
LEU CB  CG   sing N N 43 
LEU CB  HB2  sing N N 44 
LEU CB  HB3  sing N N 45 
LEU CG  CD1  sing N N 46 
LEU CG  CD2  sing N N 47 
LEU CG  HG   sing N N 48 
LEU CD1 HD11 sing N N 49 
LEU CD1 HD12 sing N N 50 
LEU CD1 HD13 sing N N 51 
LEU CD2 HD21 sing N N 52 
LEU CD2 HD22 sing N N 53 
LEU CD2 HD23 sing N N 54 
LEU OXT HXT  sing N N 55 
VAL N   CA   sing N N 56 
VAL N   H    sing N N 57 
VAL N   H2   sing N N 58 
VAL CA  C    sing N N 59 
VAL CA  CB   sing N N 60 
VAL CA  HA   sing N N 61 
VAL C   O    doub N N 62 
VAL C   OXT  sing N N 63 
VAL CB  CG1  sing N N 64 
VAL CB  CG2  sing N N 65 
VAL CB  HB   sing N N 66 
VAL CG1 HG11 sing N N 67 
VAL CG1 HG12 sing N N 68 
VAL CG1 HG13 sing N N 69 
VAL CG2 HG21 sing N N 70 
VAL CG2 HG22 sing N N 71 
VAL CG2 HG23 sing N N 72 
VAL OXT HXT  sing N N 73 
# 
_atom_sites.entry_id                    3PPD 
_atom_sites.fract_transf_matrix[1][1]   0.06942056 
_atom_sites.fract_transf_matrix[1][2]   0.17879414 
_atom_sites.fract_transf_matrix[1][3]   -0.07751007 
_atom_sites.fract_transf_matrix[2][1]   0.02960475 
_atom_sites.fract_transf_matrix[2][2]   -0.02837796 
_atom_sites.fract_transf_matrix[2][3]   -0.03894506 
_atom_sites.fract_transf_matrix[3][1]   -0.01942281 
_atom_sites.fract_transf_matrix[3][2]   0.00086682 
_atom_sites.fract_transf_matrix[3][3]   -0.01539620 
_atom_sites.fract_transf_vector[1]      0.421700 
_atom_sites.fract_transf_vector[2]      -0.055942 
_atom_sites.fract_transf_vector[3]      -0.025135 
# 
loop_
_atom_type.symbol 
C  
N  
O  
ZN 
# 
loop_
_atom_site.group_PDB 
_atom_site.id 
_atom_site.type_symbol 
_atom_site.label_atom_id 
_atom_site.label_alt_id 
_atom_site.label_comp_id 
_atom_site.label_asym_id 
_atom_site.label_entity_id 
_atom_site.label_seq_id 
_atom_site.pdbx_PDB_ins_code 
_atom_site.Cartn_x 
_atom_site.Cartn_y 
_atom_site.Cartn_z 
_atom_site.occupancy 
_atom_site.B_iso_or_equiv 
_atom_site.pdbx_formal_charge 
_atom_site.auth_seq_id 
_atom_site.auth_comp_id 
_atom_site.auth_asym_id 
_atom_site.auth_atom_id 
_atom_site.pdbx_PDB_model_num 
ATOM   1  N  N   . GLY A 1 1 ? 7.403  0.316  5.494  1.00 8.42  ? 1 GLY A N   1 
ATOM   2  C  CA  . GLY A 1 1 ? 6.185  1.132  5.218  1.00 7.89  ? 1 GLY A CA  1 
ATOM   3  C  C   . GLY A 1 1 ? 5.068  0.283  4.649  1.00 7.86  ? 1 GLY A C   1 
ATOM   4  O  O   . GLY A 1 1 ? 5.282  -0.874 4.288  1.00 7.44  ? 1 GLY A O   1 
ATOM   5  N  N   . GLY A 1 2 ? 3.872  0.855  4.572  1.00 6.79  ? 2 GLY A N   1 
ATOM   6  C  CA  . GLY A 1 2 ? 2.731  0.161  3.998  1.00 6.14  ? 2 GLY A CA  1 
ATOM   7  C  C   . GLY A 1 2 ? 2.646  0.289  2.488  1.00 5.62  ? 2 GLY A C   1 
ATOM   8  O  O   . GLY A 1 2 ? 3.123  1.265  1.905  1.00 6.32  ? 2 GLY A O   1 
ATOM   9  N  N   . VAL A 1 3 ? 2.017  -0.704 1.863  1.00 5.28  ? 3 VAL A N   1 
ATOM   10 C  CA  . VAL A 1 3 ? 1.768  -0.705 0.426  1.00 5.18  ? 3 VAL A CA  1 
ATOM   11 C  C   . VAL A 1 3 ? 0.277  -0.909 0.198  1.00 5.79  ? 3 VAL A C   1 
ATOM   12 O  O   . VAL A 1 3 ? -0.289 -1.920 0.620  1.00 5.92  ? 3 VAL A O   1 
ATOM   13 C  CB  . VAL A 1 3 ? 2.560  -1.820 -0.295 1.00 5.28  ? 3 VAL A CB  1 
ATOM   14 C  CG1 . VAL A 1 3 ? 2.256  -1.815 -1.789 1.00 6.45  ? 3 VAL A CG1 1 
ATOM   15 C  CG2 . VAL A 1 3 ? 4.052  -1.654 -0.057 1.00 5.51  ? 3 VAL A CG2 1 
ATOM   16 N  N   . LEU A 1 4 ? -0.355 0.068  -0.448 1.00 5.53  ? 4 LEU A N   1 
ATOM   17 C  CA  . LEU A 1 4 ? -1.766 -0.003 -0.783 1.00 6.52  ? 4 LEU A CA  1 
ATOM   18 C  C   . LEU A 1 4 ? -1.892 0.108  -2.301 1.00 6.53  ? 4 LEU A C   1 
ATOM   19 O  O   . LEU A 1 4 ? -1.577 1.147  -2.883 1.00 6.74  ? 4 LEU A O   1 
ATOM   20 C  CB  . LEU A 1 4 ? -2.532 1.131  -0.096 1.00 6.37  ? 4 LEU A CB  1 
ATOM   21 C  CG  . LEU A 1 4 ? -4.033 0.986  0.184  1.00 8.81  ? 4 LEU A CG  1 
ATOM   22 C  CD1 . LEU A 1 4 ? -4.607 2.334  0.624  1.00 9.63  ? 4 LEU A CD1 1 
ATOM   23 C  CD2 . LEU A 1 4 ? -4.811 0.448  -1.001 1.00 11.64 ? 4 LEU A CD2 1 
ATOM   24 N  N   . VAL A 1 5 ? -2.330 -0.977 -2.935 1.00 7.34  ? 5 VAL A N   1 
ATOM   25 C  CA  . VAL A 1 5 ? -2.688 -0.967 -4.349 1.00 8.50  ? 5 VAL A CA  1 
ATOM   26 C  C   . VAL A 1 5 ? -4.213 -0.985 -4.390 1.00 10.11 ? 5 VAL A C   1 
ATOM   27 O  O   . VAL A 1 5 ? -4.842 -2.010 -4.118 1.00 10.21 ? 5 VAL A O   1 
ATOM   28 C  CB  . VAL A 1 5 ? -2.086 -2.170 -5.099 1.00 9.35  ? 5 VAL A CB  1 
ATOM   29 C  CG1 . VAL A 1 5 ? -2.389 -2.077 -6.590 1.00 9.07  ? 5 VAL A CG1 1 
ATOM   30 C  CG2 . VAL A 1 5 ? -0.589 -2.231 -4.872 1.00 8.24  ? 5 VAL A CG2 1 
ATOM   31 N  N   . ASN A 1 6 ? -4.800 0.165  -4.706 1.00 11.41 ? 6 ASN A N   1 
ATOM   32 C  CA  . ASN A 1 6 ? -6.230 0.382  -4.509 1.00 12.33 ? 6 ASN A CA  1 
ATOM   33 C  C   . ASN A 1 6 ? -7.076 -0.187 -5.639 1.00 13.63 ? 6 ASN A C   1 
ATOM   34 O  O   . ASN A 1 6 ? -6.590 -0.403 -6.753 1.00 14.56 ? 6 ASN A O   1 
ATOM   35 C  CB  . ASN A 1 6 ? -6.515 1.875  -4.357 1.00 12.66 ? 6 ASN A CB  1 
ATOM   36 C  CG  . ASN A 1 6 ? -7.940 2.151  -3.943 1.00 13.48 ? 6 ASN A CG  1 
ATOM   37 O  OD1 . ASN A 1 6 ? -8.403 1.654  -2.914 1.00 15.17 ? 6 ASN A OD1 1 
ATOM   38 N  ND2 . ASN A 1 6 ? -8.651 2.941  -4.743 1.00 11.37 ? 6 ASN A ND2 1 
ATOM   39 O  OXT . ASN A 1 6 ? -8.274 -0.436 -5.451 1.00 14.09 ? 6 ASN A OXT 1 
HETATM 40 ZN ZN  . ZN  B 2 . ? 7.326  -1.442 4.214  1.00 5.85  ? 7 ZN  A ZN  1 
HETATM 41 C  C   . ACY C 3 . ? 7.671  0.013  1.861  1.00 16.08 ? 8 ACY A C   1 
HETATM 42 O  O   . ACY C 3 . ? 7.455  -1.170 2.207  1.00 15.66 ? 8 ACY A O   1 
HETATM 43 O  OXT . ACY C 3 . ? 8.254  0.835  2.596  1.00 15.12 ? 8 ACY A OXT 1 
HETATM 44 C  CH3 . ACY C 3 . ? 7.210  0.470  0.504  1.00 16.16 ? 8 ACY A CH3 1 
HETATM 45 O  O   . HOH D 4 . ? 6.277  -0.452 8.338  1.00 17.52 ? 9 HOH A O   1 
# 
